data_1VR1
#
_entry.id   1VR1
#
_cell.length_a   70.880
_cell.length_b   71.960
_cell.length_c   73.040
_cell.angle_alpha   90.00
_cell.angle_beta   100.65
_cell.angle_gamma   90.00
#
_symmetry.space_group_name_H-M   'C 1 2 1'
#
loop_
_entity.id
_entity.type
_entity.pdbx_description
1 polymer thrombin
2 polymer thrombin
3 polymer Hirudin
4 water water
#
loop_
_entity_poly.entity_id
_entity_poly.type
_entity_poly.pdbx_seq_one_letter_code
_entity_poly.pdbx_strand_id
1 'polypeptide(L)' ADCGLRPLFEKKSLEDKTERELLESYI L
2 'polypeptide(L)'
;IVEGSDAEIGMSPWQVMLFAKHRRSPGERFLCGASLISDRWVLTAAHCLLYPPWDKNFTENDLLVRIGKHSRTRYERNIE
KISMLEKIYIHPRYNWRENLDRDIALMKLKKPVAFSDYIHPVCLPDRETAASLLQAGYKGRVTGWGNLKETWTANVGKGQ
PSVLQVVNLPIVERPVCKDSTRIRITDNMFCAYYKPDEGKRGDACEGDSGGPFVMKSPFNNRWYQMGIVSWGEGCDRDGK
YGFYTHVFRLKKWIQKVIDQF
;
H
3 'polypeptide(L)' DFEEIPEE(TYS)L I
#
# COMPACT_ATOMS: atom_id res chain seq x y z
N ALA A 1 -16.82 7.93 3.58
CA ALA A 1 -17.81 6.97 4.08
C ALA A 1 -17.72 6.96 5.60
N ASP A 2 -17.26 5.87 6.16
CA ASP A 2 -16.95 5.62 7.56
C ASP A 2 -15.46 5.20 7.49
N CYS A 3 -14.83 5.79 6.47
CA CYS A 3 -13.48 5.39 6.13
C CYS A 3 -12.47 5.50 7.25
N GLY A 4 -11.46 4.65 7.20
CA GLY A 4 -10.30 4.69 8.08
C GLY A 4 -10.58 4.41 9.56
N LEU A 5 -11.76 3.92 9.88
CA LEU A 5 -12.10 3.52 11.27
C LEU A 5 -12.24 2.00 11.26
N ARG A 6 -11.25 1.30 11.86
CA ARG A 6 -11.29 -0.16 11.76
C ARG A 6 -12.34 -0.75 12.71
N PRO A 7 -13.10 -1.71 12.22
CA PRO A 7 -14.10 -2.44 12.96
C PRO A 7 -13.53 -3.09 14.21
N LEU A 8 -12.32 -3.60 14.20
CA LEU A 8 -11.79 -4.26 15.40
C LEU A 8 -10.91 -3.41 16.28
N PHE A 9 -10.64 -2.16 15.87
CA PHE A 9 -9.79 -1.27 16.64
C PHE A 9 -10.53 0.02 16.96
N GLU A 10 -10.49 1.06 16.10
CA GLU A 10 -11.13 2.32 16.42
C GLU A 10 -12.59 2.18 16.82
N LYS A 11 -13.36 1.32 16.14
CA LYS A 11 -14.79 1.22 16.45
C LYS A 11 -15.07 0.70 17.85
N LYS A 12 -14.19 -0.06 18.46
CA LYS A 12 -14.31 -0.66 19.77
C LYS A 12 -13.49 0.08 20.82
N SER A 13 -12.79 1.11 20.35
CA SER A 13 -11.84 1.88 21.14
C SER A 13 -10.70 1.02 21.67
N LEU A 14 -10.17 0.12 20.82
CA LEU A 14 -9.03 -0.71 21.15
C LEU A 14 -7.88 -0.22 20.26
N GLU A 15 -6.66 -0.24 20.74
CA GLU A 15 -5.49 0.25 20.02
C GLU A 15 -4.63 -0.92 19.55
N ASP A 16 -4.00 -0.80 18.37
CA ASP A 16 -3.17 -1.93 17.94
C ASP A 16 -1.84 -1.77 18.68
N LYS A 17 -0.99 -2.79 18.62
CA LYS A 17 0.26 -2.79 19.36
C LYS A 17 1.28 -1.71 19.06
N THR A 18 1.28 -1.09 17.87
CA THR A 18 2.34 -0.12 17.65
C THR A 18 1.81 1.22 17.17
N GLU A 19 0.49 1.42 17.12
CA GLU A 19 0.04 2.75 16.65
C GLU A 19 0.52 3.89 17.53
N ARG A 20 0.74 3.71 18.84
CA ARG A 20 1.25 4.78 19.66
C ARG A 20 2.59 5.33 19.16
N GLU A 21 3.44 4.52 18.57
CA GLU A 21 4.68 4.95 17.94
C GLU A 21 4.44 5.99 16.84
N LEU A 22 3.32 5.93 16.13
CA LEU A 22 3.05 6.93 15.11
C LEU A 22 2.64 8.23 15.78
N LEU A 23 1.65 8.14 16.65
CA LEU A 23 1.11 9.31 17.34
C LEU A 23 2.19 10.04 18.11
N GLU A 24 3.16 9.34 18.69
CA GLU A 24 4.25 9.99 19.41
C GLU A 24 5.18 10.71 18.45
N SER A 25 5.28 10.29 17.19
CA SER A 25 6.12 11.02 16.24
C SER A 25 5.47 12.30 15.78
N TYR A 26 4.17 12.51 15.96
CA TYR A 26 3.52 13.72 15.45
C TYR A 26 3.70 14.90 16.41
N ILE A 27 4.93 15.36 16.45
CA ILE A 27 5.50 16.41 17.27
C ILE A 27 6.30 15.78 18.41
N ILE B 1 8.23 -7.11 3.21
CA ILE B 1 8.63 -6.18 4.30
C ILE B 1 9.86 -6.69 5.07
N VAL B 2 10.88 -5.87 5.20
CA VAL B 2 12.09 -6.26 5.91
C VAL B 2 12.08 -5.65 7.30
N GLU B 3 12.37 -6.46 8.31
CA GLU B 3 12.47 -6.06 9.69
C GLU B 3 11.14 -5.56 10.24
N GLY B 4 10.06 -6.20 9.80
CA GLY B 4 8.72 -5.86 10.25
C GLY B 4 8.24 -6.93 11.24
N SER B 5 6.94 -6.99 11.49
CA SER B 5 6.45 -8.01 12.43
C SER B 5 5.07 -8.40 11.95
N ASP B 6 4.53 -9.49 12.48
CA ASP B 6 3.24 -9.95 12.01
C ASP B 6 2.16 -8.91 12.32
N ALA B 7 1.26 -8.65 11.39
CA ALA B 7 0.16 -7.74 11.68
C ALA B 7 -0.83 -8.46 12.61
N GLU B 8 -1.60 -7.74 13.42
CA GLU B 8 -2.67 -8.32 14.20
C GLU B 8 -3.86 -8.53 13.26
N ILE B 9 -4.77 -9.42 13.61
CA ILE B 9 -5.95 -9.66 12.79
C ILE B 9 -6.71 -8.35 12.65
N GLY B 10 -7.19 -8.00 11.46
CA GLY B 10 -7.96 -6.79 11.23
C GLY B 10 -7.23 -5.46 11.35
N MET B 11 -5.91 -5.48 11.45
CA MET B 11 -5.14 -4.26 11.63
C MET B 11 -5.06 -3.38 10.38
N SER B 12 -5.20 -3.96 9.21
CA SER B 12 -5.14 -3.20 7.94
C SER B 12 -6.20 -3.77 7.02
N PRO B 13 -7.47 -3.56 7.34
CA PRO B 13 -8.60 -4.10 6.63
C PRO B 13 -8.79 -3.57 5.22
N TRP B 14 -8.03 -2.55 4.81
CA TRP B 14 -8.05 -2.04 3.47
C TRP B 14 -6.99 -2.70 2.56
N GLN B 15 -6.14 -3.56 3.08
CA GLN B 15 -5.10 -4.26 2.38
C GLN B 15 -5.68 -5.19 1.32
N VAL B 16 -5.12 -5.07 0.12
CA VAL B 16 -5.58 -5.93 -0.99
C VAL B 16 -4.42 -6.67 -1.60
N MET B 17 -4.61 -7.93 -1.99
CA MET B 17 -3.64 -8.71 -2.72
C MET B 17 -4.09 -8.82 -4.20
N LEU B 18 -3.18 -8.52 -5.11
CA LEU B 18 -3.40 -8.63 -6.55
C LEU B 18 -2.96 -10.06 -6.92
N PHE B 19 -3.87 -10.77 -7.58
CA PHE B 19 -3.47 -12.20 -7.79
C PHE B 19 -3.76 -12.62 -9.23
N ALA B 20 -2.78 -13.26 -9.86
CA ALA B 20 -2.97 -13.64 -11.27
C ALA B 20 -3.99 -14.77 -11.38
N LYS B 21 -5.01 -14.65 -12.23
CA LYS B 21 -5.93 -15.79 -12.32
C LYS B 21 -5.53 -16.75 -13.45
N HIS B 22 -4.96 -17.86 -13.56
CA HIS B 22 -3.68 -17.95 -14.28
C HIS B 22 -3.93 -18.25 -15.76
N GLU B 28 -0.55 -19.38 -10.08
CA GLU B 28 -1.18 -18.17 -9.62
C GLU B 28 -0.13 -17.47 -8.85
N ARG B 29 -0.06 -16.22 -8.98
CA ARG B 29 0.99 -15.58 -8.25
C ARG B 29 0.74 -14.11 -8.22
N PHE B 30 1.25 -14.27 -6.82
CA PHE B 30 1.09 -13.06 -6.04
C PHE B 30 1.81 -11.95 -6.80
N LEU B 31 1.01 -11.05 -7.37
CA LEU B 31 1.48 -9.96 -8.19
C LEU B 31 1.90 -8.69 -7.47
N CYS B 32 1.17 -8.26 -6.44
CA CYS B 32 1.51 -6.94 -5.85
C CYS B 32 0.56 -6.68 -4.69
N GLY B 33 0.72 -5.54 -4.00
CA GLY B 33 -0.29 -5.16 -2.98
C GLY B 33 -1.19 -4.13 -3.62
N ALA B 34 -2.21 -3.65 -2.92
CA ALA B 34 -3.13 -2.64 -3.35
C ALA B 34 -3.95 -2.22 -2.10
N SER B 35 -4.90 -1.33 -2.24
CA SER B 35 -5.72 -0.90 -1.11
C SER B 35 -7.13 -0.58 -1.52
N LEU B 36 -8.03 -0.83 -0.56
CA LEU B 36 -9.46 -0.67 -0.76
C LEU B 36 -9.87 0.73 -0.33
N ILE B 37 -10.41 1.55 -1.25
CA ILE B 37 -10.75 2.93 -0.94
C ILE B 37 -12.26 3.16 -0.97
N SER B 38 -13.02 2.20 -1.48
CA SER B 38 -14.49 2.28 -1.40
C SER B 38 -15.02 0.88 -1.66
N ASP B 39 -16.35 0.68 -1.71
CA ASP B 39 -16.88 -0.64 -1.98
C ASP B 39 -16.62 -1.12 -3.40
N ARG B 40 -16.19 -0.26 -4.31
CA ARG B 40 -15.94 -0.76 -5.67
C ARG B 40 -14.63 -0.36 -6.30
N TRP B 41 -13.77 0.38 -5.62
CA TRP B 41 -12.51 0.87 -6.17
C TRP B 41 -11.27 0.47 -5.37
N VAL B 42 -10.25 -0.04 -6.02
CA VAL B 42 -8.97 -0.43 -5.49
C VAL B 42 -7.90 0.50 -6.09
N LEU B 43 -6.96 0.92 -5.26
CA LEU B 43 -5.83 1.78 -5.63
C LEU B 43 -4.55 0.98 -5.61
N THR B 44 -3.61 1.16 -6.55
CA THR B 44 -2.39 0.38 -6.63
C THR B 44 -1.33 1.18 -7.43
N ALA B 45 -0.17 0.65 -7.60
CA ALA B 45 0.87 1.39 -8.35
C ALA B 45 0.70 1.00 -9.82
N ALA B 46 0.81 1.95 -10.73
CA ALA B 46 0.73 1.60 -12.17
C ALA B 46 1.72 0.52 -12.58
N HIS B 47 2.91 0.51 -11.99
CA HIS B 47 3.93 -0.45 -12.38
C HIS B 47 3.53 -1.89 -12.06
N CYS B 48 2.59 -2.15 -11.16
CA CYS B 48 2.07 -3.48 -10.92
C CYS B 48 1.35 -4.01 -12.16
N LEU B 49 0.80 -3.16 -13.03
CA LEU B 49 0.01 -3.58 -14.15
C LEU B 49 0.64 -3.35 -15.53
N LEU B 50 1.45 -2.32 -15.66
CA LEU B 50 2.06 -1.87 -16.88
C LEU B 50 3.50 -1.43 -16.66
N TYR B 51 4.37 -2.30 -17.16
CA TYR B 51 5.79 -2.10 -17.14
C TYR B 51 6.46 -2.76 -18.35
N PRO B 52 6.57 -2.01 -19.46
CA PRO B 52 7.16 -2.53 -20.70
C PRO B 52 8.53 -3.09 -20.66
N PRO B 53 9.51 -2.61 -19.91
CA PRO B 53 10.83 -3.17 -19.80
C PRO B 53 10.90 -4.63 -19.42
N TRP B 54 9.91 -5.17 -18.70
CA TRP B 54 9.85 -6.55 -18.30
C TRP B 54 8.68 -7.24 -18.99
N ASP B 55 8.22 -6.64 -20.09
CA ASP B 55 7.06 -7.11 -20.82
C ASP B 55 5.88 -7.38 -19.88
N LYS B 56 5.50 -6.37 -19.10
CA LYS B 56 4.33 -6.60 -18.21
C LYS B 56 3.25 -5.65 -18.70
N ASN B 57 2.12 -6.20 -19.07
CA ASN B 57 0.95 -5.46 -19.50
C ASN B 57 -0.28 -6.28 -19.20
N PHE B 58 -0.81 -6.19 -17.97
CA PHE B 58 -1.99 -6.94 -17.58
C PHE B 58 -3.31 -6.21 -17.88
N THR B 59 -4.33 -6.95 -18.34
CA THR B 59 -5.65 -6.38 -18.52
C THR B 59 -6.58 -6.90 -17.42
N GLU B 60 -7.83 -6.48 -17.44
CA GLU B 60 -8.83 -6.84 -16.46
C GLU B 60 -9.10 -8.32 -16.36
N ASN B 61 -8.97 -9.04 -17.40
CA ASN B 61 -9.27 -10.47 -17.48
C ASN B 61 -8.08 -11.29 -16.97
N ASP B 62 -6.89 -10.70 -16.74
CA ASP B 62 -5.81 -11.48 -16.20
C ASP B 62 -5.72 -11.46 -14.67
N LEU B 63 -6.54 -10.66 -14.00
CA LEU B 63 -6.34 -10.49 -12.55
C LEU B 63 -7.50 -10.73 -11.62
N LEU B 64 -7.17 -11.05 -10.36
CA LEU B 64 -8.16 -11.15 -9.30
C LEU B 64 -7.69 -10.25 -8.12
N VAL B 65 -8.64 -9.67 -7.39
CA VAL B 65 -8.33 -8.85 -6.21
C VAL B 65 -8.76 -9.70 -5.02
N ARG B 66 -7.94 -9.97 -4.04
CA ARG B 66 -8.24 -10.72 -2.85
C ARG B 66 -8.20 -9.76 -1.63
N ILE B 67 -9.36 -9.63 -0.99
CA ILE B 67 -9.60 -8.70 0.10
C ILE B 67 -9.94 -9.38 1.44
N GLY B 68 -9.42 -8.83 2.52
CA GLY B 68 -9.66 -9.34 3.85
C GLY B 68 -8.67 -10.44 4.21
N LYS B 69 -7.49 -10.50 3.61
CA LYS B 69 -6.56 -11.58 3.87
C LYS B 69 -5.62 -11.34 5.04
N HIS B 70 -4.95 -12.27 5.26
CA HIS B 70 -3.93 -12.24 6.32
C HIS B 70 -2.80 -13.22 5.99
N SER B 71 -3.25 -14.49 6.02
CA SER B 71 -2.33 -15.51 5.54
C SER B 71 -1.97 -15.23 4.07
N ARG B 72 -0.71 -15.33 3.70
CA ARG B 72 -0.33 -15.08 2.30
C ARG B 72 -0.82 -16.17 1.36
N THR B 73 -0.62 -17.45 1.71
CA THR B 73 -0.97 -18.49 0.72
C THR B 73 -2.26 -19.26 0.86
N ARG B 74 -2.80 -19.46 1.80
CA ARG B 74 -4.06 -19.98 2.36
C ARG B 74 -5.23 -19.21 1.73
N TYR B 75 -6.23 -19.67 1.04
CA TYR B 75 -7.58 -19.20 0.75
C TYR B 75 -8.32 -19.06 2.07
N GLU B 76 -8.81 -17.68 2.12
CA GLU B 76 -9.23 -17.74 3.52
C GLU B 76 -10.74 -17.65 3.60
N ARG B 77 -11.37 -18.80 3.70
CA ARG B 77 -12.84 -18.84 3.72
C ARG B 77 -13.38 -18.67 5.13
N ASN B 78 -14.47 -17.83 4.69
CA ASN B 78 -15.49 -17.23 5.59
C ASN B 78 -14.99 -15.91 6.19
N ILE B 79 -13.96 -15.28 5.47
CA ILE B 79 -13.11 -14.15 5.66
C ILE B 79 -12.74 -13.39 4.41
N GLU B 80 -11.79 -13.82 3.57
CA GLU B 80 -11.51 -13.15 2.32
C GLU B 80 -12.67 -13.22 1.33
N LYS B 81 -12.57 -12.20 0.49
CA LYS B 81 -13.48 -12.00 -0.62
C LYS B 81 -12.60 -11.79 -1.86
N ILE B 82 -12.88 -12.53 -2.91
CA ILE B 82 -12.16 -12.48 -4.17
C ILE B 82 -13.06 -11.81 -5.20
N SER B 83 -12.65 -10.76 -5.87
CA SER B 83 -13.49 -10.05 -6.83
C SER B 83 -12.80 -9.97 -8.18
N MET B 84 -13.59 -9.83 -9.23
CA MET B 84 -13.07 -9.70 -10.59
C MET B 84 -13.03 -8.20 -10.92
N LEU B 85 -12.25 -7.84 -11.92
CA LEU B 85 -12.17 -6.45 -12.32
C LEU B 85 -13.01 -6.13 -13.54
N GLU B 86 -13.64 -4.97 -13.50
CA GLU B 86 -14.44 -4.46 -14.59
C GLU B 86 -13.51 -3.59 -15.47
N LYS B 87 -12.70 -2.76 -14.83
CA LYS B 87 -11.83 -1.88 -15.63
C LYS B 87 -10.64 -1.36 -14.83
N ILE B 88 -9.52 -1.22 -15.53
CA ILE B 88 -8.27 -0.69 -14.99
C ILE B 88 -8.03 0.70 -15.57
N TYR B 89 -7.59 1.66 -14.77
CA TYR B 89 -7.26 2.99 -15.26
C TYR B 89 -5.86 3.36 -14.75
N ILE B 90 -4.97 3.61 -15.72
CA ILE B 90 -3.60 3.98 -15.40
C ILE B 90 -3.45 5.48 -15.54
N HIS B 91 -2.71 6.18 -14.70
CA HIS B 91 -2.54 7.62 -14.89
C HIS B 91 -2.02 7.89 -16.31
N PRO B 92 -2.58 8.82 -17.06
CA PRO B 92 -2.11 9.13 -18.40
C PRO B 92 -0.65 9.57 -18.48
N ARG B 93 -0.05 10.14 -17.44
CA ARG B 93 1.34 10.56 -17.52
C ARG B 93 2.24 9.71 -16.65
N TYR B 94 1.83 8.45 -16.40
CA TYR B 94 2.74 7.55 -15.68
C TYR B 94 4.00 7.45 -16.51
N ASN B 95 5.15 7.76 -15.96
CA ASN B 95 6.42 7.72 -16.68
C ASN B 95 7.24 6.49 -16.33
N TRP B 96 6.92 5.38 -17.00
CA TRP B 96 7.64 4.12 -16.83
C TRP B 96 8.99 4.15 -17.53
N ARG B 97 9.19 5.05 -18.50
CA ARG B 97 10.49 5.04 -19.20
C ARG B 97 11.65 5.54 -18.38
N GLU B 98 11.46 6.46 -17.43
CA GLU B 98 12.63 6.94 -16.70
C GLU B 98 12.54 6.67 -15.20
N ASN B 99 11.51 7.31 -14.66
CA ASN B 99 11.15 7.53 -13.33
C ASN B 99 10.19 6.78 -12.44
N LEU B 100 9.12 6.33 -13.06
CA LEU B 100 8.00 5.79 -12.30
C LEU B 100 7.24 7.00 -11.73
N ASP B 101 7.43 8.17 -12.32
CA ASP B 101 6.70 9.37 -11.93
C ASP B 101 5.22 9.06 -12.17
N ARG B 102 4.37 9.46 -11.23
CA ARG B 102 2.93 9.26 -11.25
C ARG B 102 2.60 7.79 -11.30
N ASP B 103 3.20 7.02 -10.41
CA ASP B 103 3.02 5.57 -10.33
C ASP B 103 1.72 5.21 -9.63
N ILE B 104 0.61 5.35 -10.35
CA ILE B 104 -0.71 5.14 -9.72
C ILE B 104 -1.72 4.60 -10.73
N ALA B 105 -2.66 3.81 -10.23
CA ALA B 105 -3.68 3.23 -11.10
C ALA B 105 -4.90 2.91 -10.25
N LEU B 106 -6.08 3.05 -10.84
CA LEU B 106 -7.32 2.63 -10.18
C LEU B 106 -7.88 1.40 -10.89
N MET B 107 -8.51 0.54 -10.11
CA MET B 107 -9.14 -0.71 -10.55
C MET B 107 -10.60 -0.69 -10.07
N LYS B 108 -11.55 -0.75 -10.99
CA LYS B 108 -12.96 -0.78 -10.66
C LYS B 108 -13.39 -2.24 -10.54
N LEU B 109 -14.06 -2.61 -9.44
CA LEU B 109 -14.50 -3.99 -9.25
C LEU B 109 -15.80 -4.25 -10.03
N LYS B 110 -16.03 -5.49 -10.44
CA LYS B 110 -17.26 -5.84 -11.15
C LYS B 110 -18.49 -5.66 -10.27
N LYS B 111 -18.41 -6.01 -9.00
CA LYS B 111 -19.48 -5.87 -8.04
C LYS B 111 -18.93 -5.34 -6.71
N PRO B 112 -19.73 -4.57 -6.00
CA PRO B 112 -19.32 -4.04 -4.71
C PRO B 112 -18.98 -5.17 -3.75
N VAL B 113 -17.97 -4.95 -2.91
CA VAL B 113 -17.55 -5.94 -1.94
C VAL B 113 -18.34 -5.61 -0.67
N ALA B 114 -18.68 -6.61 0.15
CA ALA B 114 -19.40 -6.25 1.39
C ALA B 114 -18.37 -6.04 2.50
N PHE B 115 -18.49 -4.95 3.24
CA PHE B 115 -17.56 -4.65 4.32
C PHE B 115 -17.80 -5.63 5.46
N SER B 116 -16.80 -5.84 6.31
CA SER B 116 -16.94 -6.79 7.41
C SER B 116 -15.89 -6.36 8.44
N ASP B 117 -15.63 -7.20 9.44
CA ASP B 117 -14.60 -6.89 10.42
C ASP B 117 -13.21 -6.87 9.78
N TYR B 118 -13.00 -7.62 8.67
CA TYR B 118 -11.70 -7.72 8.06
C TYR B 118 -11.51 -6.93 6.77
N ILE B 119 -12.56 -6.33 6.25
CA ILE B 119 -12.66 -5.59 5.02
C ILE B 119 -13.32 -4.24 5.29
N HIS B 120 -12.58 -3.16 5.05
CA HIS B 120 -13.07 -1.81 5.33
C HIS B 120 -12.13 -0.81 4.67
N PRO B 121 -12.60 0.23 4.06
CA PRO B 121 -11.74 1.10 3.29
C PRO B 121 -10.97 2.15 4.10
N VAL B 122 -9.86 2.56 3.51
CA VAL B 122 -8.99 3.59 4.05
C VAL B 122 -9.45 4.94 3.54
N CYS B 123 -9.24 6.07 4.25
CA CYS B 123 -9.61 7.36 3.70
C CYS B 123 -8.51 7.87 2.77
N LEU B 124 -8.84 8.82 1.89
CA LEU B 124 -7.85 9.54 1.09
C LEU B 124 -7.67 10.89 1.72
N PRO B 125 -6.46 11.45 1.77
CA PRO B 125 -6.23 12.71 2.45
C PRO B 125 -6.85 13.90 1.72
N ASP B 126 -7.16 14.91 2.51
CA ASP B 126 -7.64 16.19 2.00
C ASP B 126 -6.41 17.09 2.08
N ARG B 127 -6.41 18.30 1.60
CA ARG B 127 -5.21 19.15 1.66
C ARG B 127 -4.67 19.44 3.05
N GLU B 128 -5.60 19.65 3.99
CA GLU B 128 -5.21 19.97 5.37
C GLU B 128 -4.56 18.79 6.05
N THR B 129 -5.07 17.57 5.77
CA THR B 129 -4.49 16.38 6.38
C THR B 129 -3.10 16.18 5.82
N ALA B 130 -2.90 16.32 4.52
CA ALA B 130 -1.57 16.22 3.93
C ALA B 130 -0.64 17.27 4.52
N ALA B 131 -1.11 18.51 4.65
CA ALA B 131 -0.28 19.57 5.20
C ALA B 131 0.15 19.26 6.63
N SER B 132 -0.73 18.81 7.51
CA SER B 132 -0.25 18.52 8.87
C SER B 132 0.55 17.25 9.06
N LEU B 133 0.35 16.23 8.26
CA LEU B 133 1.00 14.94 8.51
C LEU B 133 2.24 14.65 7.69
N LEU B 134 2.32 15.20 6.49
CA LEU B 134 3.48 14.93 5.64
C LEU B 134 4.68 15.79 6.01
N GLN B 135 5.32 15.45 7.13
CA GLN B 135 6.45 16.19 7.66
C GLN B 135 7.60 15.24 7.99
N ALA B 136 8.80 15.69 7.65
CA ALA B 136 10.02 14.95 7.94
C ALA B 136 10.01 14.56 9.41
N GLY B 137 10.30 13.30 9.76
CA GLY B 137 10.24 12.86 11.12
C GLY B 137 8.96 12.14 11.50
N TYR B 138 7.82 12.50 10.93
CA TYR B 138 6.55 11.83 11.29
C TYR B 138 6.54 10.42 10.73
N LYS B 139 5.98 9.44 11.43
CA LYS B 139 6.04 8.07 10.95
C LYS B 139 4.72 7.64 10.29
N GLY B 140 4.82 6.78 9.30
CA GLY B 140 3.61 6.24 8.66
C GLY B 140 3.88 4.74 8.74
N ARG B 141 2.96 3.94 8.23
CA ARG B 141 3.02 2.49 8.33
C ARG B 141 2.89 1.85 6.97
N VAL B 142 3.69 0.81 6.74
CA VAL B 142 3.63 0.06 5.49
C VAL B 142 3.26 -1.37 5.79
N THR B 143 2.40 -1.99 4.97
CA THR B 143 2.00 -3.37 5.22
C THR B 143 2.15 -4.18 3.95
N GLY B 144 2.40 -5.50 4.01
CA GLY B 144 2.41 -6.24 2.72
C GLY B 144 2.90 -7.67 2.97
N TRP B 145 2.84 -8.52 1.97
CA TRP B 145 3.27 -9.90 2.07
C TRP B 145 4.57 -10.09 1.30
N GLY B 146 5.21 -8.98 0.94
CA GLY B 146 6.44 -8.98 0.17
C GLY B 146 7.54 -9.77 0.85
N ASN B 147 8.67 -9.87 0.16
CA ASN B 147 9.78 -10.65 0.67
C ASN B 147 10.31 -10.05 1.96
N LEU B 148 10.92 -10.92 2.79
CA LEU B 148 11.46 -10.49 4.06
C LEU B 148 12.88 -9.97 3.94
N LYS B 149 13.60 -10.32 2.89
CA LYS B 149 15.00 -9.88 2.77
C LYS B 149 15.25 -9.58 1.30
N GLU B 150 16.24 -8.94 0.92
CA GLU B 150 16.38 -8.56 -0.49
C GLU B 150 16.79 -9.76 -1.35
N THR B 151 17.75 -10.50 -0.75
CA THR B 151 18.37 -11.62 -1.47
C THR B 151 18.06 -12.94 -0.77
N GLY B 159 11.88 -16.84 2.50
CA GLY B 159 12.14 -15.40 2.38
C GLY B 159 10.81 -14.65 2.19
N GLN B 160 9.73 -15.43 2.21
CA GLN B 160 8.37 -14.90 2.10
C GLN B 160 7.66 -15.15 3.43
N PRO B 161 6.85 -14.20 3.91
CA PRO B 161 6.24 -14.40 5.23
C PRO B 161 5.04 -15.32 5.14
N SER B 162 4.62 -15.82 6.29
CA SER B 162 3.44 -16.69 6.35
C SER B 162 2.20 -15.80 6.44
N VAL B 163 2.40 -14.67 7.09
CA VAL B 163 1.24 -13.75 7.28
C VAL B 163 1.56 -12.31 6.92
N LEU B 164 0.59 -11.42 6.79
CA LEU B 164 0.78 -10.01 6.55
C LEU B 164 1.76 -9.38 7.52
N GLN B 165 2.73 -8.60 7.03
CA GLN B 165 3.74 -7.97 7.86
C GLN B 165 3.49 -6.46 7.99
N VAL B 166 4.05 -5.82 9.01
CA VAL B 166 3.84 -4.39 9.21
C VAL B 166 5.12 -3.72 9.68
N VAL B 167 5.37 -2.48 9.27
CA VAL B 167 6.55 -1.76 9.76
C VAL B 167 6.20 -0.29 9.80
N ASN B 168 6.66 0.43 10.79
CA ASN B 168 6.43 1.87 10.90
C ASN B 168 7.70 2.62 10.54
N LEU B 169 7.63 3.65 9.72
CA LEU B 169 8.80 4.33 9.18
C LEU B 169 8.58 5.84 9.11
N PRO B 170 9.66 6.57 9.34
CA PRO B 170 9.63 8.00 9.32
C PRO B 170 9.85 8.56 7.92
N ILE B 171 9.12 9.62 7.62
CA ILE B 171 9.24 10.32 6.36
C ILE B 171 10.58 11.08 6.42
N VAL B 172 11.31 11.07 5.35
CA VAL B 172 12.64 11.71 5.31
C VAL B 172 12.61 13.04 4.56
N GLU B 173 13.46 13.97 4.98
CA GLU B 173 13.50 15.31 4.34
C GLU B 173 13.87 15.14 2.87
N ARG B 174 13.26 15.95 2.01
CA ARG B 174 13.44 15.88 0.56
C ARG B 174 14.89 15.98 0.11
N PRO B 175 15.76 16.83 0.65
CA PRO B 175 17.17 16.86 0.30
C PRO B 175 17.88 15.55 0.58
N VAL B 176 17.59 14.90 1.70
CA VAL B 176 18.16 13.59 2.01
C VAL B 176 17.70 12.54 1.01
N CYS B 177 16.41 12.55 0.61
CA CYS B 177 15.91 11.60 -0.38
C CYS B 177 16.68 11.76 -1.71
N LYS B 178 16.75 13.00 -2.18
CA LYS B 178 17.41 13.33 -3.43
C LYS B 178 18.88 12.94 -3.49
N ASP B 179 19.66 13.08 -2.43
CA ASP B 179 21.05 12.73 -2.33
C ASP B 179 21.35 11.28 -2.07
N SER B 180 20.36 10.40 -1.94
CA SER B 180 20.62 9.00 -1.70
C SER B 180 20.56 8.23 -3.01
N THR B 181 20.12 8.84 -4.09
CA THR B 181 19.95 8.08 -5.33
C THR B 181 20.37 8.81 -6.59
N ARG B 182 20.58 8.12 -7.70
CA ARG B 182 20.93 8.73 -8.97
C ARG B 182 19.68 9.02 -9.79
N ILE B 183 18.55 8.46 -9.37
CA ILE B 183 17.29 8.72 -10.05
C ILE B 183 16.74 10.10 -9.79
N ARG B 184 16.16 10.72 -10.79
CA ARG B 184 15.56 12.04 -10.63
C ARG B 184 14.23 11.89 -9.84
N ILE B 185 14.15 12.55 -8.69
CA ILE B 185 12.96 12.54 -7.82
C ILE B 185 12.00 13.60 -8.25
N THR B 186 10.68 13.47 -8.14
CA THR B 186 9.77 14.56 -8.54
C THR B 186 8.94 14.97 -7.33
N ASP B 187 8.08 15.96 -7.48
CA ASP B 187 7.17 16.40 -6.45
C ASP B 187 6.08 15.35 -6.27
N ASN B 188 5.87 14.37 -7.14
CA ASN B 188 4.85 13.34 -6.96
C ASN B 188 5.31 12.13 -6.17
N MET B 189 6.45 12.19 -5.49
CA MET B 189 7.02 11.17 -4.67
C MET B 189 7.53 11.70 -3.32
N PHE B 190 7.67 10.81 -2.35
CA PHE B 190 8.28 11.19 -1.07
C PHE B 190 9.10 9.97 -0.65
N CYS B 191 10.05 10.06 0.30
CA CYS B 191 10.77 8.84 0.63
C CYS B 191 10.65 8.69 2.14
N ALA B 192 10.85 7.46 2.59
CA ALA B 192 10.70 7.17 4.02
C ALA B 192 11.70 6.08 4.39
N TYR B 193 12.04 6.07 5.66
CA TYR B 193 12.98 5.05 6.15
C TYR B 193 13.91 5.72 7.18
N TYR B 194 14.58 4.82 7.91
CA TYR B 194 15.53 5.27 8.91
C TYR B 194 16.88 5.54 8.23
N LYS B 195 17.61 6.45 8.84
CA LYS B 195 18.98 6.78 8.42
C LYS B 195 19.90 5.73 8.99
N PRO B 196 21.08 5.55 8.40
CA PRO B 196 22.07 4.61 8.89
C PRO B 196 22.41 4.76 10.35
N ASP B 197 22.47 5.98 10.90
CA ASP B 197 22.77 6.14 12.31
C ASP B 197 21.57 6.11 13.24
N GLU B 198 20.37 5.82 12.74
CA GLU B 198 19.16 5.85 13.53
C GLU B 198 18.86 4.61 14.34
N GLY B 199 19.64 3.54 14.25
CA GLY B 199 19.43 2.36 15.06
C GLY B 199 18.43 1.37 14.51
N LYS B 200 17.22 1.82 14.21
CA LYS B 200 16.14 1.01 13.68
C LYS B 200 16.31 0.85 12.17
N ARG B 201 15.63 -0.10 11.56
CA ARG B 201 15.68 -0.26 10.11
C ARG B 201 14.31 -0.76 9.62
N GLY B 202 14.19 -1.16 8.36
CA GLY B 202 12.88 -1.61 7.84
C GLY B 202 12.58 -1.00 6.48
N ASP B 203 11.80 -1.72 5.67
CA ASP B 203 11.51 -1.24 4.32
C ASP B 203 10.51 -2.15 3.63
N ALA B 204 10.00 -1.67 2.50
CA ALA B 204 9.15 -2.46 1.62
C ALA B 204 10.13 -3.36 0.84
N CYS B 205 9.72 -4.42 0.18
CA CYS B 205 10.62 -5.27 -0.60
C CYS B 205 9.84 -5.83 -1.79
N GLU B 206 10.40 -6.71 -2.61
CA GLU B 206 9.67 -7.28 -3.75
C GLU B 206 8.33 -7.86 -3.35
N GLY B 207 7.21 -7.55 -3.99
CA GLY B 207 5.90 -8.08 -3.59
C GLY B 207 5.09 -7.07 -2.77
N ASP B 208 5.73 -6.09 -2.12
CA ASP B 208 5.01 -5.05 -1.37
C ASP B 208 4.53 -3.92 -2.28
N SER B 209 5.10 -3.78 -3.46
CA SER B 209 4.68 -2.77 -4.41
C SER B 209 3.16 -2.67 -4.58
N GLY B 210 2.71 -1.43 -4.69
CA GLY B 210 1.31 -1.12 -4.88
C GLY B 210 0.63 -0.97 -3.51
N GLY B 211 1.22 -1.44 -2.43
CA GLY B 211 0.50 -1.38 -1.15
C GLY B 211 0.52 0.03 -0.55
N PRO B 212 -0.18 0.21 0.57
CA PRO B 212 -0.40 1.51 1.16
C PRO B 212 0.59 1.91 2.24
N PHE B 213 0.92 3.19 2.25
CA PHE B 213 1.73 3.85 3.26
C PHE B 213 0.66 4.67 4.01
N VAL B 214 0.30 4.31 5.25
CA VAL B 214 -0.82 5.02 5.86
C VAL B 214 -0.39 5.75 7.14
N MET B 215 -1.18 6.73 7.50
CA MET B 215 -0.91 7.52 8.72
C MET B 215 -2.22 7.69 9.47
N LYS B 216 -2.09 7.76 10.80
CA LYS B 216 -3.31 7.94 11.61
C LYS B 216 -3.47 9.37 12.05
N SER B 217 -4.53 10.10 11.65
CA SER B 217 -4.68 11.47 12.07
C SER B 217 -4.90 11.59 13.59
N PRO B 218 -4.12 12.40 14.30
CA PRO B 218 -4.36 12.68 15.71
C PRO B 218 -5.52 13.63 15.90
N PHE B 219 -6.10 14.22 14.86
CA PHE B 219 -7.23 15.10 14.91
C PHE B 219 -8.55 14.37 14.94
N ASN B 220 -8.77 13.35 14.07
CA ASN B 220 -10.04 12.70 14.07
C ASN B 220 -9.95 11.20 14.21
N ASN B 221 -8.75 10.73 14.48
CA ASN B 221 -8.51 9.31 14.66
C ASN B 221 -8.76 8.39 13.48
N ARG B 222 -8.73 8.89 12.27
CA ARG B 222 -8.95 8.05 11.09
C ARG B 222 -7.62 7.79 10.40
N TRP B 223 -7.50 6.63 9.76
CA TRP B 223 -6.38 6.26 8.97
C TRP B 223 -6.54 6.80 7.56
N TYR B 224 -5.45 7.34 7.06
CA TYR B 224 -5.35 7.96 5.77
C TYR B 224 -4.22 7.38 4.92
N GLN B 225 -4.56 7.14 3.66
CA GLN B 225 -3.52 6.58 2.78
C GLN B 225 -2.70 7.75 2.18
N MET B 226 -1.47 7.95 2.64
CA MET B 226 -0.67 9.07 2.11
C MET B 226 0.16 8.62 0.90
N GLY B 227 0.59 7.35 0.94
CA GLY B 227 1.53 6.93 -0.11
C GLY B 227 1.20 5.56 -0.70
N ILE B 228 1.82 5.26 -1.86
CA ILE B 228 1.72 3.97 -2.48
C ILE B 228 3.14 3.43 -2.62
N VAL B 229 3.41 2.20 -2.18
CA VAL B 229 4.78 1.67 -2.30
C VAL B 229 5.16 1.68 -3.79
N SER B 230 6.20 2.41 -4.16
CA SER B 230 6.55 2.55 -5.57
C SER B 230 7.87 1.93 -5.90
N TRP B 231 9.01 2.37 -5.36
CA TRP B 231 10.25 1.70 -5.79
C TRP B 231 11.29 1.92 -4.70
N GLY B 232 12.32 1.11 -4.81
CA GLY B 232 13.47 1.23 -3.89
C GLY B 232 14.68 0.66 -4.62
N GLU B 233 15.87 0.78 -4.05
CA GLU B 233 17.08 0.23 -4.69
C GLU B 233 17.60 -0.76 -3.65
N GLY B 234 17.19 -2.00 -3.91
CA GLY B 234 17.48 -3.06 -2.93
C GLY B 234 16.37 -2.89 -1.88
N CYS B 235 16.51 -3.55 -0.75
CA CYS B 235 15.56 -3.49 0.34
C CYS B 235 16.33 -3.38 1.66
N ASP B 236 15.98 -2.39 2.46
CA ASP B 236 16.62 -2.15 3.74
C ASP B 236 18.14 -1.98 3.63
N ARG B 237 18.63 -1.33 2.56
CA ARG B 237 20.06 -1.07 2.44
C ARG B 237 20.42 0.20 3.20
N ASP B 238 21.57 0.21 3.87
CA ASP B 238 22.01 1.41 4.57
C ASP B 238 22.19 2.54 3.57
N GLY B 239 21.78 3.73 3.95
CA GLY B 239 21.81 4.91 3.11
C GLY B 239 20.78 4.95 2.00
N LYS B 240 19.88 3.97 1.91
CA LYS B 240 18.86 3.95 0.85
C LYS B 240 17.47 4.04 1.49
N TYR B 241 16.51 4.63 0.77
CA TYR B 241 15.16 4.85 1.27
C TYR B 241 14.13 4.28 0.31
N GLY B 242 12.95 4.00 0.83
CA GLY B 242 11.83 3.50 0.03
C GLY B 242 11.17 4.77 -0.53
N PHE B 243 10.69 4.69 -1.76
CA PHE B 243 10.05 5.79 -2.45
C PHE B 243 8.59 5.46 -2.70
N TYR B 244 7.75 6.45 -2.41
CA TYR B 244 6.31 6.27 -2.45
C TYR B 244 5.63 7.25 -3.38
N THR B 245 4.53 6.86 -4.01
CA THR B 245 3.72 7.81 -4.77
C THR B 245 2.94 8.74 -3.85
N HIS B 246 2.97 10.04 -4.11
CA HIS B 246 2.32 11.05 -3.22
C HIS B 246 0.85 11.15 -3.55
N VAL B 247 0.01 10.44 -2.78
CA VAL B 247 -1.41 10.32 -3.13
C VAL B 247 -2.12 11.63 -3.22
N PHE B 248 -1.85 12.50 -2.22
CA PHE B 248 -2.52 13.80 -2.24
C PHE B 248 -2.17 14.61 -3.48
N ARG B 249 -0.94 14.56 -3.99
CA ARG B 249 -0.67 15.34 -5.20
C ARG B 249 -1.47 14.81 -6.36
N LEU B 250 -1.88 13.54 -6.40
CA LEU B 250 -2.60 13.00 -7.55
C LEU B 250 -4.10 12.85 -7.33
N LYS B 251 -4.60 13.41 -6.26
CA LYS B 251 -5.98 13.32 -5.85
C LYS B 251 -6.97 13.86 -6.85
N LYS B 252 -6.72 14.96 -7.56
CA LYS B 252 -7.68 15.40 -8.57
C LYS B 252 -7.87 14.32 -9.64
N TRP B 253 -6.80 13.68 -10.09
CA TRP B 253 -6.94 12.63 -11.08
C TRP B 253 -7.82 11.52 -10.54
N ILE B 254 -7.56 11.09 -9.28
CA ILE B 254 -8.38 10.06 -8.68
C ILE B 254 -9.87 10.40 -8.69
N GLN B 255 -10.22 11.57 -8.20
CA GLN B 255 -11.60 12.01 -8.09
C GLN B 255 -12.30 12.11 -9.45
N LYS B 256 -11.57 12.52 -10.47
CA LYS B 256 -12.00 12.62 -11.84
C LYS B 256 -12.37 11.25 -12.41
N VAL B 257 -11.47 10.26 -12.25
CA VAL B 257 -11.84 8.98 -12.84
C VAL B 257 -13.04 8.40 -12.08
N ILE B 258 -13.02 8.47 -10.75
CA ILE B 258 -14.11 7.89 -9.99
C ILE B 258 -15.41 8.61 -10.35
N ASP B 259 -15.34 9.93 -10.24
CA ASP B 259 -16.45 10.84 -10.49
C ASP B 259 -17.45 10.31 -9.64
N ASP C 1 3.88 -22.18 -2.51
CA ASP C 1 2.50 -22.70 -2.26
C ASP C 1 1.52 -22.00 -3.21
N PHE C 2 0.42 -21.59 -2.65
CA PHE C 2 -0.79 -20.98 -2.98
C PHE C 2 -1.84 -22.08 -3.07
N GLU C 3 -2.62 -22.10 -1.99
CA GLU C 3 -3.71 -23.08 -1.94
C GLU C 3 -4.64 -22.64 -3.06
N GLU C 4 -5.23 -23.59 -3.76
CA GLU C 4 -6.12 -23.27 -4.86
C GLU C 4 -7.34 -22.54 -4.33
N ILE C 5 -7.92 -21.67 -5.14
CA ILE C 5 -9.13 -20.93 -4.82
C ILE C 5 -10.26 -21.57 -5.62
N PRO C 6 -11.49 -21.51 -5.15
CA PRO C 6 -12.64 -22.07 -5.82
C PRO C 6 -12.71 -21.68 -7.28
N GLU C 7 -13.24 -22.59 -8.11
CA GLU C 7 -13.31 -22.43 -9.54
C GLU C 7 -14.25 -21.36 -10.07
N GLU C 8 -15.34 -21.11 -9.35
CA GLU C 8 -16.06 -19.85 -9.58
C GLU C 8 -15.36 -18.54 -9.81
N TYS C 9 -14.04 -18.40 -9.14
CA TYS C 9 -13.37 -17.12 -9.35
CB TYS C 9 -12.47 -16.79 -8.09
CG TYS C 9 -13.50 -16.67 -6.97
CD1 TYS C 9 -14.62 -15.83 -7.13
CD2 TYS C 9 -13.35 -17.39 -5.78
CE1 TYS C 9 -15.57 -15.71 -6.11
CE2 TYS C 9 -14.29 -17.28 -4.76
CZ TYS C 9 -15.40 -16.44 -4.92
OH TYS C 9 -16.32 -16.34 -3.93
S TYS C 9 -15.61 -15.81 -2.74
O1 TYS C 9 -16.83 -15.61 -2.02
O2 TYS C 9 -14.90 -14.56 -2.73
O3 TYS C 9 -14.87 -16.85 -2.07
C TYS C 9 -12.51 -17.18 -10.62
O TYS C 9 -12.02 -16.16 -11.11
N LEU C 10 -12.25 -18.22 -10.96
CA LEU C 10 -11.98 -18.93 -12.20
C LEU C 10 -10.50 -19.32 -12.27
#